data_1RWN
#
_entry.id   1RWN
#
_cell.length_a   63.147
_cell.length_b   63.147
_cell.length_c   161.771
_cell.angle_alpha   90.00
_cell.angle_beta   90.00
_cell.angle_gamma   90.00
#
_symmetry.space_group_name_H-M   'P 43 21 2'
#
loop_
_entity.id
_entity.type
_entity.pdbx_description
1 polymer 'Interleukin-1 beta convertase'
2 polymer 'Interleukin-1 beta convertase'
3 non-polymer '3-{2-ETHYL-6-[4-(QUINOXALIN-2-YLAMINO)-BENZOYLAMINO]-HEXANOYLAMINO}-4-OXO-BUTYRIC ACID'
4 water water
#
loop_
_entity_poly.entity_id
_entity_poly.type
_entity_poly.pdbx_seq_one_letter_code
_entity_poly.pdbx_strand_id
1 'polypeptide(L)'
;NPAMPTSSGSEGNVKLCSLEEAQRIWKQKSAEIYPIMDKSSRTRLALIICNEEFDSIPRRTGAEVDITGMTMLLQNLGYS
VDVKKNLTASDMTTELEAFAHRPEHKTSDSTFLVFMSHGIREGICGKKHSEQVPDILQLNAIFNMLNTKNCPSLKDKPKV
IIIQACRGDSPGVVWFKD
;
A
2 'polypeptide(L)'
;AIKKAHIEKDFIAFCSSTPDNVSWRHPTMGSVFIGRLIEHMQEYACSCDVEEIFRKVRFSFEQPDGRAQMPTTERVTLTR
CFYLFPGH
;
B
#
# COMPACT_ATOMS: atom_id res chain seq x y z
N THR A 6 6.26 24.95 0.74
CA THR A 6 7.58 24.53 0.18
C THR A 6 7.82 23.03 0.33
N SER A 7 8.36 22.42 -0.72
CA SER A 7 8.66 20.99 -0.73
C SER A 7 10.02 20.66 -0.10
N SER A 8 10.67 21.67 0.47
CA SER A 8 11.97 21.52 1.13
C SER A 8 11.83 20.92 2.53
N GLY A 9 10.62 20.90 3.06
CA GLY A 9 10.33 20.32 4.36
C GLY A 9 10.26 18.80 4.31
N SER A 10 10.12 18.19 5.48
CA SER A 10 10.09 16.73 5.60
C SER A 10 8.93 16.07 4.84
N GLU A 11 7.83 16.80 4.70
CA GLU A 11 6.64 16.28 4.02
C GLU A 11 6.64 16.47 2.50
N GLY A 12 7.70 17.11 1.99
CA GLY A 12 7.90 17.28 0.57
C GLY A 12 6.69 17.83 -0.18
N ASN A 13 6.24 17.08 -1.18
CA ASN A 13 5.13 17.50 -2.04
C ASN A 13 3.74 17.16 -1.49
N VAL A 14 3.68 16.54 -0.31
CA VAL A 14 2.42 16.24 0.33
C VAL A 14 1.83 17.50 0.95
N LYS A 15 0.63 17.87 0.50
CA LYS A 15 -0.08 19.03 1.03
C LYS A 15 -0.33 18.86 2.53
N LEU A 16 -0.01 19.91 3.28
CA LEU A 16 -0.08 19.88 4.73
C LEU A 16 -1.50 20.04 5.24
N CYS A 17 -1.82 19.32 6.32
CA CYS A 17 -3.07 19.50 7.04
C CYS A 17 -2.84 20.55 8.11
N SER A 18 -3.50 21.70 7.97
CA SER A 18 -3.37 22.79 8.93
C SER A 18 -4.01 22.44 10.27
N LEU A 19 -3.65 23.19 11.31
CA LEU A 19 -4.19 22.96 12.66
C LEU A 19 -5.71 23.16 12.72
N GLU A 20 -6.20 24.12 11.93
CA GLU A 20 -7.63 24.37 11.82
C GLU A 20 -8.37 23.21 11.14
N GLU A 21 -7.76 22.69 10.07
CA GLU A 21 -8.31 21.55 9.34
C GLU A 21 -8.27 20.27 10.17
N ALA A 22 -7.19 20.10 10.94
CA ALA A 22 -7.02 18.95 11.82
C ALA A 22 -8.04 18.96 12.97
N GLN A 23 -8.35 20.16 13.46
CA GLN A 23 -9.34 20.33 14.53
C GLN A 23 -10.76 20.13 14.02
N ARG A 24 -10.99 20.51 12.76
CA ARG A 24 -12.30 20.39 12.12
C ARG A 24 -12.67 18.94 11.83
N ILE A 25 -11.70 18.16 11.37
CA ILE A 25 -11.88 16.73 11.11
C ILE A 25 -12.13 15.96 12.42
N TRP A 26 -11.40 16.34 13.46
CA TRP A 26 -11.53 15.74 14.78
C TRP A 26 -12.86 16.12 15.47
N LYS A 27 -13.48 17.21 15.01
CA LYS A 27 -14.75 17.67 15.55
C LYS A 27 -15.96 17.15 14.76
N GLN A 28 -15.81 17.05 13.44
CA GLN A 28 -16.88 16.58 12.55
C GLN A 28 -17.27 15.14 12.84
N LYS A 29 -16.27 14.29 13.08
CA LYS A 29 -16.49 12.89 13.42
C LYS A 29 -16.07 12.64 14.88
N SER A 30 -16.92 11.91 15.60
CA SER A 30 -16.73 11.67 17.04
C SER A 30 -15.58 10.70 17.33
N ALA A 31 -15.93 9.44 17.63
CA ALA A 31 -14.94 8.41 17.94
C ALA A 31 -14.83 7.41 16.77
N GLU A 32 -14.76 7.95 15.56
CA GLU A 32 -14.68 7.12 14.36
C GLU A 32 -13.40 7.40 13.55
N ILE A 33 -12.38 7.90 14.22
CA ILE A 33 -11.06 8.12 13.62
C ILE A 33 -9.99 7.35 14.39
N TYR A 34 -9.03 6.78 13.66
CA TYR A 34 -7.88 6.10 14.27
C TYR A 34 -6.99 7.11 15.00
N PRO A 35 -6.66 6.83 16.26
CA PRO A 35 -5.80 7.72 17.04
C PRO A 35 -4.39 7.82 16.46
N ILE A 36 -3.84 9.03 16.46
CA ILE A 36 -2.48 9.27 16.00
C ILE A 36 -1.59 9.55 17.20
N MET A 37 -0.42 8.90 17.21
CA MET A 37 0.54 9.07 18.28
C MET A 37 1.32 10.37 18.13
N ASP A 38 1.80 10.90 19.25
CA ASP A 38 2.59 12.13 19.25
C ASP A 38 3.79 12.02 18.32
N LYS A 39 4.00 13.06 17.53
CA LYS A 39 5.08 13.13 16.54
C LYS A 39 6.47 12.96 17.15
N SER A 40 6.64 13.48 18.37
CA SER A 40 7.95 13.50 19.03
C SER A 40 8.43 12.11 19.47
N SER A 41 7.51 11.18 19.68
CA SER A 41 7.84 9.88 20.26
C SER A 41 7.61 8.68 19.34
N ARG A 42 6.72 8.84 18.35
CA ARG A 42 6.30 7.71 17.52
C ARG A 42 7.40 7.18 16.59
N THR A 43 7.35 5.87 16.34
CA THR A 43 8.32 5.20 15.47
C THR A 43 7.59 4.45 14.35
N ARG A 44 7.09 5.20 13.37
CA ARG A 44 6.34 4.64 12.26
C ARG A 44 7.24 3.88 11.30
N LEU A 45 6.80 2.68 10.91
CA LEU A 45 7.56 1.83 10.00
C LEU A 45 6.77 1.52 8.74
N ALA A 46 7.48 1.49 7.61
CA ALA A 46 6.93 1.03 6.34
C ALA A 46 7.92 0.11 5.63
N LEU A 47 7.39 -0.80 4.81
CA LEU A 47 8.22 -1.71 4.04
C LEU A 47 7.82 -1.74 2.57
N ILE A 48 8.81 -1.57 1.70
CA ILE A 48 8.61 -1.74 0.27
C ILE A 48 9.41 -2.95 -0.21
N ILE A 49 8.72 -3.90 -0.82
CA ILE A 49 9.36 -5.02 -1.52
C ILE A 49 9.08 -4.82 -3.01
N CYS A 50 10.14 -4.70 -3.80
CA CYS A 50 10.04 -4.48 -5.24
C CYS A 50 10.93 -5.46 -5.99
N ASN A 51 10.32 -6.21 -6.91
CA ASN A 51 11.07 -7.09 -7.79
C ASN A 51 11.11 -6.50 -9.19
N GLU A 52 12.31 -6.24 -9.70
CA GLU A 52 12.49 -5.68 -11.04
C GLU A 52 13.14 -6.68 -11.99
N GLU A 53 14.21 -7.34 -11.51
CA GLU A 53 14.95 -8.29 -12.32
C GLU A 53 14.60 -9.74 -11.94
N PHE A 54 14.16 -10.50 -12.93
CA PHE A 54 13.67 -11.86 -12.72
C PHE A 54 14.49 -12.88 -13.52
N ASP A 55 14.50 -14.12 -13.04
CA ASP A 55 15.23 -15.20 -13.68
C ASP A 55 14.64 -15.61 -15.03
N SER A 56 13.31 -15.68 -15.10
CA SER A 56 12.63 -16.28 -16.26
C SER A 56 11.49 -15.45 -16.85
N ILE A 57 11.20 -14.29 -16.27
CA ILE A 57 10.17 -13.41 -16.81
C ILE A 57 10.72 -12.00 -17.11
N PRO A 58 10.04 -11.24 -17.98
CA PRO A 58 10.54 -9.95 -18.46
C PRO A 58 10.93 -8.96 -17.36
N ARG A 59 11.94 -8.14 -17.63
CA ARG A 59 12.42 -7.13 -16.70
C ARG A 59 11.42 -6.02 -16.49
N ARG A 60 11.24 -5.63 -15.22
CA ARG A 60 10.27 -4.59 -14.88
C ARG A 60 10.92 -3.20 -14.97
N THR A 61 11.22 -2.79 -16.20
CA THR A 61 11.82 -1.49 -16.46
C THR A 61 10.90 -0.36 -16.01
N GLY A 62 11.46 0.58 -15.25
CA GLY A 62 10.69 1.68 -14.70
C GLY A 62 10.37 1.50 -13.23
N ALA A 63 10.67 0.33 -12.68
CA ALA A 63 10.40 0.02 -11.27
C ALA A 63 11.10 0.98 -10.31
N GLU A 64 12.28 1.45 -10.70
CA GLU A 64 13.07 2.39 -9.91
C GLU A 64 12.33 3.71 -9.66
N VAL A 65 11.55 4.13 -10.66
CA VAL A 65 10.70 5.32 -10.53
C VAL A 65 9.65 5.11 -9.44
N ASP A 66 9.06 3.93 -9.42
CA ASP A 66 8.08 3.54 -8.40
C ASP A 66 8.70 3.47 -7.00
N ILE A 67 9.89 2.87 -6.89
CA ILE A 67 10.60 2.79 -5.62
C ILE A 67 10.87 4.19 -5.07
N THR A 68 11.44 5.06 -5.91
CA THR A 68 11.74 6.44 -5.52
C THR A 68 10.49 7.15 -5.02
N GLY A 69 9.43 7.11 -5.83
CA GLY A 69 8.19 7.80 -5.51
C GLY A 69 7.52 7.33 -4.23
N MET A 70 7.44 6.01 -4.05
CA MET A 70 6.79 5.44 -2.88
C MET A 70 7.61 5.64 -1.61
N THR A 71 8.94 5.47 -1.73
CA THR A 71 9.84 5.69 -0.59
C THR A 71 9.74 7.12 -0.08
N MET A 72 9.84 8.08 -0.99
CA MET A 72 9.74 9.50 -0.64
C MET A 72 8.37 9.85 -0.08
N LEU A 73 7.31 9.30 -0.67
CA LEU A 73 5.94 9.56 -0.21
C LEU A 73 5.71 9.09 1.23
N LEU A 74 6.13 7.86 1.52
CA LEU A 74 5.93 7.28 2.85
C LEU A 74 6.78 8.00 3.91
N GLN A 75 8.00 8.41 3.52
CA GLN A 75 8.84 9.25 4.38
C GLN A 75 8.16 10.59 4.66
N ASN A 76 7.61 11.20 3.62
CA ASN A 76 6.83 12.44 3.74
C ASN A 76 5.71 12.31 4.77
N LEU A 77 5.10 11.13 4.82
CA LEU A 77 3.97 10.86 5.72
C LEU A 77 4.40 10.43 7.12
N GLY A 78 5.72 10.37 7.34
CA GLY A 78 6.29 10.13 8.66
C GLY A 78 6.75 8.71 8.94
N TYR A 79 6.89 7.90 7.89
CA TYR A 79 7.29 6.50 8.04
C TYR A 79 8.75 6.27 7.70
N SER A 80 9.42 5.42 8.48
CA SER A 80 10.76 4.98 8.18
C SER A 80 10.67 3.79 7.23
N VAL A 81 11.23 3.96 6.03
CA VAL A 81 11.02 3.00 4.95
C VAL A 81 12.19 2.03 4.77
N ASP A 82 11.88 0.74 4.85
CA ASP A 82 12.81 -0.32 4.48
C ASP A 82 12.51 -0.75 3.06
N VAL A 83 13.55 -0.77 2.22
CA VAL A 83 13.39 -1.16 0.81
C VAL A 83 14.17 -2.44 0.54
N LYS A 84 13.45 -3.48 0.11
CA LYS A 84 14.05 -4.76 -0.25
C LYS A 84 13.76 -5.08 -1.72
N LYS A 85 14.78 -5.55 -2.43
CA LYS A 85 14.68 -5.77 -3.88
C LYS A 85 14.96 -7.21 -4.29
N ASN A 86 14.23 -7.65 -5.31
CA ASN A 86 14.45 -8.94 -5.97
C ASN A 86 14.50 -10.14 -5.03
N LEU A 87 13.36 -10.44 -4.44
CA LEU A 87 13.23 -11.54 -3.49
C LEU A 87 12.36 -12.65 -4.04
N THR A 88 12.68 -13.89 -3.65
CA THR A 88 11.80 -15.03 -3.87
C THR A 88 10.62 -14.91 -2.92
N ALA A 89 9.58 -15.71 -3.15
CA ALA A 89 8.41 -15.73 -2.26
C ALA A 89 8.78 -16.12 -0.84
N SER A 90 9.72 -17.06 -0.71
CA SER A 90 10.25 -17.47 0.58
C SER A 90 10.98 -16.32 1.28
N ASP A 91 11.77 -15.57 0.51
CA ASP A 91 12.50 -14.42 1.02
C ASP A 91 11.56 -13.29 1.44
N MET A 92 10.46 -13.13 0.70
CA MET A 92 9.43 -12.15 1.03
C MET A 92 8.76 -12.50 2.36
N THR A 93 8.44 -13.79 2.54
CA THR A 93 7.89 -14.32 3.78
C THR A 93 8.82 -14.07 4.97
N THR A 94 10.10 -14.34 4.78
CA THR A 94 11.12 -14.11 5.81
C THR A 94 11.24 -12.63 6.18
N GLU A 95 11.15 -11.78 5.18
CA GLU A 95 11.20 -10.33 5.36
C GLU A 95 9.96 -9.80 6.07
N LEU A 96 8.79 -10.33 5.70
CA LEU A 96 7.52 -9.94 6.30
C LEU A 96 7.45 -10.35 7.76
N GLU A 97 7.89 -11.57 8.06
CA GLU A 97 7.95 -12.09 9.42
C GLU A 97 8.87 -11.24 10.29
N ALA A 98 10.00 -10.84 9.72
CA ALA A 98 10.95 -9.94 10.40
C ALA A 98 10.35 -8.56 10.62
N PHE A 99 9.60 -8.06 9.65
CA PHE A 99 8.92 -6.77 9.76
C PHE A 99 7.89 -6.80 10.89
N ALA A 100 7.12 -7.88 10.96
CA ALA A 100 6.11 -8.07 11.99
C ALA A 100 6.69 -8.15 13.41
N HIS A 101 7.99 -8.48 13.49
CA HIS A 101 8.68 -8.63 14.77
C HIS A 101 9.42 -7.37 15.23
N ARG A 102 9.39 -6.32 14.41
CA ARG A 102 10.11 -5.08 14.73
C ARG A 102 9.53 -4.41 15.98
N PRO A 103 10.41 -4.03 16.92
CA PRO A 103 9.99 -3.41 18.17
C PRO A 103 9.31 -2.04 17.99
N GLU A 104 9.61 -1.37 16.88
CA GLU A 104 9.09 -0.03 16.60
C GLU A 104 7.56 0.04 16.47
N HIS A 105 6.94 -1.07 16.05
CA HIS A 105 5.49 -1.15 15.89
C HIS A 105 4.74 -0.90 17.20
N LYS A 106 5.37 -1.26 18.32
CA LYS A 106 4.81 -1.01 19.64
C LYS A 106 4.59 0.47 19.90
N THR A 107 5.55 1.29 19.47
CA THR A 107 5.46 2.74 19.60
C THR A 107 5.02 3.40 18.27
N SER A 108 4.24 2.67 17.49
CA SER A 108 3.69 3.18 16.24
C SER A 108 2.16 3.12 16.23
N ASP A 109 1.54 3.88 15.34
CA ASP A 109 0.08 3.97 15.27
C ASP A 109 -0.51 3.32 14.02
N SER A 110 0.37 2.91 13.11
CA SER A 110 0.00 2.42 11.78
C SER A 110 1.20 1.87 11.02
N THR A 111 0.94 1.21 9.90
CA THR A 111 2.00 0.76 8.99
C THR A 111 1.54 0.69 7.53
N PHE A 112 2.51 0.81 6.62
CA PHE A 112 2.28 0.65 5.19
C PHE A 112 3.16 -0.47 4.65
N LEU A 113 2.58 -1.36 3.86
CA LEU A 113 3.32 -2.40 3.17
C LEU A 113 3.12 -2.22 1.67
N VAL A 114 4.20 -2.17 0.92
CA VAL A 114 4.12 -1.98 -0.52
C VAL A 114 4.80 -3.13 -1.27
N PHE A 115 4.05 -3.79 -2.13
CA PHE A 115 4.57 -4.86 -2.98
C PHE A 115 4.47 -4.45 -4.44
N MET A 116 5.58 -4.60 -5.16
CA MET A 116 5.62 -4.23 -6.58
C MET A 116 6.40 -5.29 -7.35
N SER A 117 5.71 -6.02 -8.21
CA SER A 117 6.29 -7.12 -8.95
C SER A 117 5.39 -7.53 -10.11
N HIS A 118 5.81 -8.54 -10.86
CA HIS A 118 4.89 -9.24 -11.76
C HIS A 118 3.91 -10.00 -10.88
N GLY A 119 2.76 -10.33 -11.44
CA GLY A 119 1.77 -11.12 -10.72
C GLY A 119 0.92 -11.96 -11.63
N ILE A 120 0.32 -12.99 -11.05
CA ILE A 120 -0.67 -13.81 -11.74
C ILE A 120 -1.95 -13.81 -10.91
N ARG A 121 -2.97 -14.53 -11.37
CA ARG A 121 -4.25 -14.62 -10.67
C ARG A 121 -4.08 -15.02 -9.20
N GLU A 122 -3.17 -15.95 -8.96
CA GLU A 122 -2.97 -16.54 -7.64
C GLU A 122 -2.23 -15.65 -6.63
N GLY A 123 -1.37 -14.75 -7.14
CA GLY A 123 -0.64 -13.85 -6.26
C GLY A 123 0.53 -13.09 -6.89
N ILE A 124 1.51 -12.74 -6.05
CA ILE A 124 2.65 -11.92 -6.44
C ILE A 124 3.88 -12.79 -6.75
N CYS A 125 4.56 -12.48 -7.86
CA CYS A 125 5.70 -13.26 -8.33
C CYS A 125 7.01 -12.94 -7.59
N GLY A 126 7.69 -13.99 -7.14
CA GLY A 126 9.05 -13.87 -6.66
C GLY A 126 10.02 -13.84 -7.84
N LYS A 127 11.28 -13.51 -7.57
CA LYS A 127 12.29 -13.37 -8.62
C LYS A 127 12.55 -14.65 -9.43
N LYS A 128 12.30 -15.81 -8.81
CA LYS A 128 12.58 -17.10 -9.43
C LYS A 128 11.39 -17.69 -10.18
N HIS A 129 10.30 -16.93 -10.29
CA HIS A 129 9.05 -17.45 -10.85
C HIS A 129 9.14 -17.87 -12.32
N SER A 130 8.58 -19.04 -12.60
CA SER A 130 8.33 -19.49 -13.97
C SER A 130 7.04 -20.31 -13.97
N GLU A 131 6.49 -20.55 -15.16
CA GLU A 131 5.29 -21.35 -15.32
C GLU A 131 5.50 -22.80 -14.86
N GLN A 132 6.69 -23.34 -15.12
CA GLN A 132 7.05 -24.69 -14.74
C GLN A 132 7.16 -24.84 -13.22
N VAL A 133 7.92 -23.93 -12.59
CA VAL A 133 8.09 -23.91 -11.15
C VAL A 133 7.66 -22.54 -10.60
N PRO A 134 6.40 -22.42 -10.19
CA PRO A 134 5.86 -21.16 -9.66
C PRO A 134 6.59 -20.70 -8.39
N ASP A 135 6.74 -19.38 -8.26
CA ASP A 135 7.32 -18.75 -7.08
C ASP A 135 6.41 -17.59 -6.69
N ILE A 136 5.35 -17.92 -5.95
CA ILE A 136 4.24 -17.00 -5.70
C ILE A 136 4.01 -16.74 -4.22
N LEU A 137 3.85 -15.46 -3.86
CA LEU A 137 3.36 -15.07 -2.54
C LEU A 137 1.90 -14.67 -2.64
N GLN A 138 1.05 -15.36 -1.88
CA GLN A 138 -0.38 -15.09 -1.87
C GLN A 138 -0.70 -13.90 -0.96
N LEU A 139 -1.70 -13.12 -1.35
CA LEU A 139 -2.18 -12.01 -0.52
C LEU A 139 -2.65 -12.49 0.84
N ASN A 140 -3.27 -13.68 0.87
CA ASN A 140 -3.71 -14.31 2.11
C ASN A 140 -2.58 -14.47 3.13
N ALA A 141 -1.39 -14.84 2.64
CA ALA A 141 -0.21 -15.00 3.49
C ALA A 141 0.25 -13.68 4.11
N ILE A 142 0.18 -12.60 3.32
CA ILE A 142 0.54 -11.26 3.78
C ILE A 142 -0.34 -10.82 4.97
N PHE A 143 -1.65 -11.02 4.83
CA PHE A 143 -2.61 -10.69 5.88
C PHE A 143 -2.35 -11.51 7.15
N ASN A 144 -2.18 -12.82 6.98
CA ASN A 144 -1.90 -13.72 8.10
C ASN A 144 -0.66 -13.32 8.89
N MET A 145 0.40 -12.95 8.16
CA MET A 145 1.67 -12.58 8.78
C MET A 145 1.61 -11.25 9.56
N LEU A 146 0.60 -10.43 9.26
CA LEU A 146 0.46 -9.11 9.86
C LEU A 146 -0.74 -8.99 10.79
N ASN A 147 -1.51 -10.07 10.96
CA ASN A 147 -2.69 -10.04 11.82
C ASN A 147 -2.34 -10.05 13.32
N THR A 148 -3.37 -10.07 14.18
CA THR A 148 -3.15 -9.95 15.64
C THR A 148 -2.41 -11.14 16.25
N LYS A 149 -2.60 -12.33 15.65
CA LYS A 149 -1.92 -13.55 16.10
C LYS A 149 -0.41 -13.49 15.85
N ASN A 150 -0.02 -13.07 14.65
CA ASN A 150 1.38 -13.08 14.24
C ASN A 150 2.08 -11.72 14.39
N CYS A 151 1.29 -10.67 14.58
CA CYS A 151 1.82 -9.33 14.81
C CYS A 151 0.96 -8.59 15.85
N PRO A 152 1.04 -9.01 17.12
CA PRO A 152 0.25 -8.40 18.19
C PRO A 152 0.53 -6.90 18.39
N SER A 153 1.73 -6.45 17.99
CA SER A 153 2.13 -5.05 18.15
C SER A 153 1.29 -4.09 17.31
N LEU A 154 0.70 -4.60 16.23
CA LEU A 154 -0.12 -3.77 15.36
C LEU A 154 -1.63 -3.96 15.58
N LYS A 155 -1.98 -4.53 16.73
CA LYS A 155 -3.37 -4.63 17.16
C LYS A 155 -4.01 -3.24 17.20
N ASP A 156 -5.22 -3.15 16.64
CA ASP A 156 -6.02 -1.90 16.61
C ASP A 156 -5.44 -0.79 15.72
N LYS A 157 -4.38 -1.12 14.98
CA LYS A 157 -3.68 -0.11 14.17
C LYS A 157 -3.83 -0.37 12.68
N PRO A 158 -4.16 0.66 11.90
CA PRO A 158 -4.30 0.53 10.45
C PRO A 158 -3.08 -0.08 9.77
N LYS A 159 -3.32 -1.14 9.00
CA LYS A 159 -2.29 -1.79 8.21
C LYS A 159 -2.68 -1.69 6.75
N VAL A 160 -2.02 -0.78 6.02
CA VAL A 160 -2.33 -0.51 4.63
C VAL A 160 -1.39 -1.29 3.72
N ILE A 161 -1.96 -2.13 2.87
CA ILE A 161 -1.19 -2.94 1.91
C ILE A 161 -1.46 -2.45 0.49
N ILE A 162 -0.38 -2.07 -0.21
CA ILE A 162 -0.47 -1.60 -1.59
C ILE A 162 0.26 -2.58 -2.51
N ILE A 163 -0.44 -3.04 -3.54
CA ILE A 163 0.13 -4.02 -4.47
C ILE A 163 0.04 -3.55 -5.92
N GLN A 164 1.21 -3.32 -6.51
CA GLN A 164 1.31 -3.10 -7.96
C GLN A 164 1.76 -4.41 -8.58
N ALA A 165 0.85 -5.04 -9.31
CA ALA A 165 1.09 -6.31 -9.98
C ALA A 165 -0.06 -6.65 -10.91
N CYS A 166 0.24 -7.40 -11.97
CA CYS A 166 -0.82 -7.97 -12.81
C CYS A 166 -1.52 -9.06 -12.00
N ARG A 167 -2.79 -9.30 -12.33
CA ARG A 167 -3.57 -10.33 -11.65
C ARG A 167 -4.11 -11.34 -12.66
N GLY A 168 -3.41 -11.43 -13.79
CA GLY A 168 -3.83 -12.25 -14.90
C GLY A 168 -3.40 -11.60 -16.21
N ASP A 169 -3.82 -12.17 -17.33
CA ASP A 169 -3.37 -11.74 -18.65
C ASP A 169 -4.40 -10.93 -19.43
N SER A 170 -5.63 -10.87 -18.92
CA SER A 170 -6.72 -10.20 -19.61
C SER A 170 -6.62 -8.68 -19.58
N PRO A 171 -7.09 -8.01 -20.63
CA PRO A 171 -6.97 -6.55 -20.75
C PRO A 171 -7.90 -5.77 -19.81
N GLY A 172 -8.91 -6.42 -19.25
CA GLY A 172 -9.80 -5.80 -18.29
C GLY A 172 -10.90 -4.95 -18.90
N VAL A 173 -11.18 -5.17 -20.17
CA VAL A 173 -12.17 -4.36 -20.90
C VAL A 173 -13.17 -5.19 -21.71
N VAL A 174 -14.34 -4.58 -21.92
CA VAL A 174 -15.38 -5.11 -22.79
C VAL A 174 -15.84 -3.97 -23.71
N TRP A 175 -16.38 -4.32 -24.87
CA TRP A 175 -16.91 -3.34 -25.81
C TRP A 175 -18.39 -3.07 -25.57
N PHE A 176 -18.82 -1.86 -25.87
CA PHE A 176 -20.24 -1.49 -25.89
C PHE A 176 -20.50 -0.41 -26.93
N LYS A 177 -21.71 -0.37 -27.47
CA LYS A 177 -22.09 0.69 -28.40
C LYS A 177 -22.99 1.73 -27.74
N ASP A 178 -22.78 3.00 -28.07
CA ASP A 178 -23.59 4.09 -27.54
C ASP A 178 -24.94 4.17 -28.26
N ALA B 1 -5.07 -10.88 33.96
CA ALA B 1 -6.34 -11.03 33.20
C ALA B 1 -6.08 -11.02 31.70
N ILE B 2 -6.74 -11.93 30.99
CA ILE B 2 -6.65 -12.00 29.53
C ILE B 2 -7.97 -11.55 28.88
N LYS B 3 -7.85 -10.97 27.69
CA LYS B 3 -9.01 -10.47 26.94
C LYS B 3 -8.95 -10.95 25.50
N LYS B 4 -10.12 -11.06 24.87
CA LYS B 4 -10.21 -11.48 23.48
C LYS B 4 -10.07 -10.30 22.54
N ALA B 5 -9.38 -10.51 21.43
CA ALA B 5 -9.28 -9.54 20.35
C ALA B 5 -9.53 -10.24 19.02
N HIS B 6 -10.11 -9.52 18.07
CA HIS B 6 -10.29 -10.04 16.71
C HIS B 6 -8.93 -10.40 16.13
N ILE B 7 -8.84 -11.57 15.51
CA ILE B 7 -7.58 -12.01 14.90
C ILE B 7 -7.20 -11.15 13.70
N GLU B 8 -8.21 -10.70 12.96
CA GLU B 8 -8.01 -9.87 11.78
C GLU B 8 -8.89 -8.63 11.84
N LYS B 9 -8.24 -7.48 11.94
CA LYS B 9 -8.91 -6.18 12.04
C LYS B 9 -7.96 -5.06 11.60
N ASP B 10 -8.55 -3.95 11.18
CA ASP B 10 -7.82 -2.71 10.80
C ASP B 10 -6.88 -2.88 9.59
N PHE B 11 -7.32 -3.70 8.63
CA PHE B 11 -6.58 -3.91 7.39
C PHE B 11 -7.25 -3.17 6.25
N ILE B 12 -6.46 -2.69 5.31
CA ILE B 12 -6.95 -2.30 3.98
C ILE B 12 -5.91 -2.68 2.93
N ALA B 13 -6.35 -3.37 1.88
CA ALA B 13 -5.49 -3.67 0.74
C ALA B 13 -5.97 -2.92 -0.49
N PHE B 14 -5.02 -2.39 -1.26
CA PHE B 14 -5.32 -1.67 -2.50
C PHE B 14 -4.48 -2.24 -3.64
N CYS B 15 -5.16 -2.88 -4.59
CA CYS B 15 -4.52 -3.53 -5.73
C CYS B 15 -4.62 -2.67 -6.99
N SER B 16 -3.65 -2.83 -7.89
CA SER B 16 -3.53 -2.02 -9.10
C SER B 16 -4.58 -2.30 -10.17
N SER B 17 -5.16 -3.50 -10.14
CA SER B 17 -6.20 -3.89 -11.09
C SER B 17 -7.21 -4.85 -10.45
N THR B 18 -8.23 -5.22 -11.22
CA THR B 18 -9.21 -6.23 -10.80
C THR B 18 -8.66 -7.63 -11.10
N PRO B 19 -9.17 -8.65 -10.40
CA PRO B 19 -8.74 -10.04 -10.65
C PRO B 19 -8.85 -10.44 -12.12
N ASP B 20 -7.88 -11.23 -12.59
CA ASP B 20 -7.77 -11.70 -13.98
C ASP B 20 -7.09 -10.71 -14.92
N ASN B 21 -6.90 -9.47 -14.46
CA ASN B 21 -6.52 -8.37 -15.35
C ASN B 21 -5.13 -7.78 -15.13
N VAL B 22 -4.56 -7.26 -16.22
CA VAL B 22 -3.23 -6.66 -16.20
C VAL B 22 -3.20 -5.29 -15.52
N SER B 23 -2.02 -4.94 -15.01
CA SER B 23 -1.74 -3.59 -14.54
C SER B 23 -0.59 -3.04 -15.37
N TRP B 24 -0.66 -1.76 -15.69
CA TRP B 24 0.26 -1.16 -16.66
C TRP B 24 1.45 -0.45 -16.02
N ARG B 25 2.54 -0.41 -16.78
CA ARG B 25 3.82 0.15 -16.32
C ARG B 25 4.61 0.69 -17.51
N HIS B 26 5.13 1.90 -17.37
CA HIS B 26 5.93 2.56 -18.41
C HIS B 26 7.43 2.47 -18.08
N PRO B 27 8.25 2.13 -19.08
CA PRO B 27 9.69 1.92 -18.86
C PRO B 27 10.46 3.10 -18.26
N THR B 28 9.98 4.33 -18.46
CA THR B 28 10.64 5.51 -17.91
C THR B 28 9.76 6.29 -16.93
N MET B 29 8.45 6.14 -17.06
CA MET B 29 7.50 6.89 -16.24
C MET B 29 7.00 6.08 -15.02
N GLY B 30 7.29 4.78 -15.01
CA GLY B 30 6.88 3.91 -13.91
C GLY B 30 5.47 3.38 -14.05
N SER B 31 4.96 2.78 -12.98
CA SER B 31 3.61 2.21 -12.96
C SER B 31 2.56 3.32 -12.80
N VAL B 32 1.50 3.24 -13.60
CA VAL B 32 0.44 4.25 -13.60
C VAL B 32 -0.32 4.29 -12.27
N PHE B 33 -0.60 3.12 -11.69
CA PHE B 33 -1.28 3.03 -10.41
C PHE B 33 -0.46 3.69 -9.30
N ILE B 34 0.84 3.40 -9.29
CA ILE B 34 1.76 3.96 -8.29
C ILE B 34 1.85 5.48 -8.41
N GLY B 35 2.05 5.96 -9.64
CA GLY B 35 2.12 7.39 -9.91
C GLY B 35 0.83 8.11 -9.54
N ARG B 36 -0.30 7.52 -9.92
CA ARG B 36 -1.62 8.06 -9.60
C ARG B 36 -1.86 8.10 -8.09
N LEU B 37 -1.46 7.03 -7.40
CA LEU B 37 -1.61 6.94 -5.95
C LEU B 37 -0.80 8.00 -5.21
N ILE B 38 0.46 8.19 -5.62
CA ILE B 38 1.31 9.23 -5.04
C ILE B 38 0.67 10.61 -5.19
N GLU B 39 0.24 10.94 -6.40
CA GLU B 39 -0.40 12.21 -6.72
C GLU B 39 -1.61 12.47 -5.83
N HIS B 40 -2.50 11.48 -5.73
CA HIS B 40 -3.71 11.58 -4.92
C HIS B 40 -3.41 11.66 -3.42
N MET B 41 -2.40 10.93 -2.97
CA MET B 41 -1.98 11.00 -1.57
C MET B 41 -1.38 12.37 -1.25
N GLN B 42 -0.54 12.89 -2.15
CA GLN B 42 0.02 14.23 -2.00
C GLN B 42 -1.06 15.30 -1.91
N GLU B 43 -2.10 15.14 -2.73
CA GLU B 43 -3.19 16.10 -2.82
C GLU B 43 -4.22 15.99 -1.68
N TYR B 44 -4.58 14.77 -1.31
CA TYR B 44 -5.77 14.55 -0.47
C TYR B 44 -5.53 14.00 0.94
N ALA B 45 -4.28 13.65 1.28
CA ALA B 45 -3.97 13.16 2.62
C ALA B 45 -4.35 14.16 3.71
N CYS B 46 -4.31 15.46 3.36
CA CYS B 46 -4.63 16.53 4.30
C CYS B 46 -6.11 16.61 4.67
N SER B 47 -6.99 16.21 3.75
CA SER B 47 -8.43 16.41 3.93
C SER B 47 -9.28 15.14 3.88
N CYS B 48 -8.73 14.06 3.34
CA CYS B 48 -9.49 12.81 3.16
C CYS B 48 -8.84 11.64 3.89
N ASP B 49 -9.65 10.70 4.37
CA ASP B 49 -9.13 9.45 4.94
C ASP B 49 -8.68 8.52 3.81
N VAL B 50 -7.85 7.53 4.15
CA VAL B 50 -7.21 6.70 3.13
C VAL B 50 -8.18 5.96 2.22
N GLU B 51 -9.31 5.52 2.78
CA GLU B 51 -10.35 4.84 2.00
C GLU B 51 -10.98 5.77 0.98
N GLU B 52 -11.21 7.02 1.38
CA GLU B 52 -11.70 8.07 0.48
C GLU B 52 -10.71 8.33 -0.65
N ILE B 53 -9.42 8.40 -0.30
CA ILE B 53 -8.35 8.65 -1.27
C ILE B 53 -8.29 7.54 -2.32
N PHE B 54 -8.38 6.29 -1.86
CA PHE B 54 -8.32 5.13 -2.75
C PHE B 54 -9.47 5.13 -3.75
N ARG B 55 -10.65 5.55 -3.29
CA ARG B 55 -11.82 5.70 -4.16
C ARG B 55 -11.59 6.76 -5.23
N LYS B 56 -10.94 7.86 -4.85
CA LYS B 56 -10.59 8.93 -5.80
C LYS B 56 -9.61 8.44 -6.85
N VAL B 57 -8.65 7.62 -6.42
CA VAL B 57 -7.69 6.98 -7.34
C VAL B 57 -8.45 6.13 -8.36
N ARG B 58 -9.40 5.33 -7.87
CA ARG B 58 -10.26 4.51 -8.72
C ARG B 58 -11.01 5.34 -9.75
N PHE B 59 -11.63 6.43 -9.27
CA PHE B 59 -12.40 7.35 -10.12
C PHE B 59 -11.56 7.92 -11.26
N SER B 60 -10.29 8.19 -11.00
CA SER B 60 -9.37 8.71 -12.02
C SER B 60 -9.12 7.71 -13.16
N PHE B 61 -9.42 6.44 -12.90
CA PHE B 61 -9.29 5.39 -13.90
C PHE B 61 -10.62 5.08 -14.61
N GLU B 62 -11.69 5.75 -14.17
CA GLU B 62 -13.06 5.46 -14.63
C GLU B 62 -13.21 5.38 -16.15
N GLN B 63 -12.71 6.39 -16.86
CA GLN B 63 -12.79 6.43 -18.32
C GLN B 63 -11.62 5.62 -18.91
N PRO B 64 -11.94 4.52 -19.58
CA PRO B 64 -10.90 3.62 -20.11
C PRO B 64 -10.24 4.18 -21.36
N ASP B 65 -8.91 4.06 -21.41
CA ASP B 65 -8.14 4.39 -22.60
C ASP B 65 -7.66 3.11 -23.27
N GLY B 66 -6.54 3.17 -23.97
CA GLY B 66 -5.95 2.00 -24.61
C GLY B 66 -5.33 1.02 -23.62
N ARG B 67 -5.01 1.51 -22.42
CA ARG B 67 -4.43 0.69 -21.37
C ARG B 67 -5.29 0.80 -20.10
N ALA B 68 -6.47 0.22 -20.14
CA ALA B 68 -7.41 0.31 -19.03
C ALA B 68 -7.04 -0.60 -17.86
N GLN B 69 -7.25 -0.10 -16.65
CA GLN B 69 -7.17 -0.90 -15.44
C GLN B 69 -8.05 -0.28 -14.36
N MET B 70 -8.51 -1.10 -13.43
CA MET B 70 -9.38 -0.63 -12.36
C MET B 70 -8.84 -1.10 -11.00
N PRO B 71 -8.15 -0.22 -10.30
CA PRO B 71 -7.64 -0.53 -8.96
C PRO B 71 -8.76 -0.99 -8.02
N THR B 72 -8.46 -1.99 -7.20
CA THR B 72 -9.46 -2.60 -6.33
C THR B 72 -9.04 -2.55 -4.88
N THR B 73 -9.94 -2.12 -4.02
CA THR B 73 -9.74 -2.19 -2.58
C THR B 73 -10.24 -3.55 -2.09
N GLU B 74 -9.43 -4.19 -1.25
CA GLU B 74 -9.67 -5.58 -0.86
C GLU B 74 -9.59 -5.81 0.65
N ARG B 75 -10.39 -6.76 1.11
CA ARG B 75 -10.35 -7.28 2.48
C ARG B 75 -10.23 -6.21 3.55
N VAL B 76 -11.21 -5.31 3.56
CA VAL B 76 -11.18 -4.14 4.43
C VAL B 76 -11.81 -4.42 5.79
N THR B 77 -11.03 -4.26 6.85
CA THR B 77 -11.54 -4.35 8.21
C THR B 77 -11.23 -3.10 9.04
N LEU B 78 -11.04 -1.98 8.35
CA LEU B 78 -10.93 -0.69 9.03
C LEU B 78 -12.28 -0.39 9.69
N THR B 79 -12.25 -0.20 11.02
CA THR B 79 -13.45 0.10 11.79
C THR B 79 -13.65 1.60 11.94
N ARG B 80 -12.58 2.35 11.65
CA ARG B 80 -12.59 3.81 11.76
C ARG B 80 -12.02 4.42 10.49
N CYS B 81 -12.13 5.74 10.37
CA CYS B 81 -11.49 6.47 9.28
C CYS B 81 -10.02 6.68 9.61
N PHE B 82 -9.15 6.36 8.66
CA PHE B 82 -7.72 6.56 8.83
C PHE B 82 -7.28 7.86 8.15
N TYR B 83 -7.16 8.91 8.94
CA TYR B 83 -6.62 10.19 8.48
C TYR B 83 -5.13 10.27 8.80
N LEU B 84 -4.34 10.66 7.80
CA LEU B 84 -2.89 10.72 7.91
C LEU B 84 -2.40 11.97 8.64
N PHE B 85 -3.22 13.02 8.65
CA PHE B 85 -2.87 14.32 9.24
C PHE B 85 -1.44 14.78 8.91
N PRO B 86 -1.10 14.89 7.62
CA PRO B 86 0.28 15.25 7.24
C PRO B 86 0.70 16.58 7.85
N GLY B 87 1.92 16.61 8.39
CA GLY B 87 2.40 17.76 9.14
C GLY B 87 2.27 17.56 10.64
N HIS B 88 1.45 16.58 11.03
CA HIS B 88 1.24 16.24 12.43
C HIS B 88 1.56 14.77 12.68
#